data_9I9Q
#
_entry.id   9I9Q
#
_cell.length_a   74.887
_cell.length_b   74.887
_cell.length_c   253.173
_cell.angle_alpha   90
_cell.angle_beta   90
_cell.angle_gamma   90
#
_symmetry.space_group_name_H-M   'P 43 21 2'
#
loop_
_entity.id
_entity.type
_entity.pdbx_description
1 polymer '5-hydroxymethyl-dUMP N-hydrolase'
2 non-polymer ETHANOL
3 non-polymer 1,2-ETHANEDIOL
4 non-polymer 2-[1-methyl-5-[[1-[2-(methylamino)phenyl]carbonylpiperidin-4-yl]amino]-1,2,4-triazol-3-yl]-1~{H}-indole-6-carbonitrile
5 non-polymer 'CHLORIDE ION'
6 water water
#
_entity_poly.entity_id   1
_entity_poly.type   'polypeptide(L)'
_entity_poly.pdbx_seq_one_letter_code
;MRPALYFCGSIRGGREDRTLYERIVSRLRRFGTVLTEHVAAAELGARGEEAAGGDRLIHEQDLEWLQQADVVVAEVTQPS
LGVGYELGRAVAFNKRILCLFRPQSGRVLSAMIRGAADGSRFQVWDYEEGEVEALLDRYFEADPLEENLYFQ
;
_entity_poly.pdbx_strand_id   A,B,C,D
#
loop_
_chem_comp.id
_chem_comp.type
_chem_comp.name
_chem_comp.formula
A1I1M non-polymer 2-[1-methyl-5-[[1-[2-(methylamino)phenyl]carbonylpiperidin-4-yl]amino]-1,2,4-triazol-3-yl]-1~{H}-indole-6-carbonitrile 'C25 H26 N8 O'
CL non-polymer 'CHLORIDE ION' 'Cl -1'
EDO non-polymer 1,2-ETHANEDIOL 'C2 H6 O2'
EOH non-polymer ETHANOL 'C2 H6 O'
#
# COMPACT_ATOMS: atom_id res chain seq x y z
N MET A 1 -3.24 -7.90 19.72
CA MET A 1 -3.93 -6.95 18.87
C MET A 1 -4.88 -7.68 17.94
N ARG A 2 -6.07 -7.14 17.79
CA ARG A 2 -7.10 -7.79 16.99
C ARG A 2 -6.86 -7.49 15.54
N PRO A 3 -7.03 -8.49 14.67
CA PRO A 3 -7.01 -8.20 13.23
C PRO A 3 -8.06 -7.14 12.85
N ALA A 4 -7.77 -6.30 11.87
CA ALA A 4 -8.71 -5.25 11.44
C ALA A 4 -9.33 -5.75 10.13
N LEU A 5 -10.66 -5.85 10.06
CA LEU A 5 -11.34 -6.42 8.89
C LEU A 5 -12.23 -5.38 8.27
N TYR A 6 -12.19 -5.31 6.96
CA TYR A 6 -12.99 -4.35 6.22
C TYR A 6 -14.08 -5.11 5.45
N PHE A 7 -15.33 -4.67 5.56
CA PHE A 7 -16.42 -5.31 4.83
C PHE A 7 -17.12 -4.27 3.94
N CYS A 8 -17.43 -4.65 2.69
CA CYS A 8 -18.25 -3.80 1.85
C CYS A 8 -19.16 -4.67 0.99
N GLY A 9 -20.24 -4.06 0.54
CA GLY A 9 -21.26 -4.66 -0.31
C GLY A 9 -22.15 -3.57 -0.88
N SER A 10 -22.84 -3.83 -1.97
CA SER A 10 -23.71 -2.83 -2.59
C SER A 10 -24.91 -2.47 -1.71
N ILE A 11 -25.48 -1.26 -1.94
CA ILE A 11 -26.69 -0.80 -1.26
C ILE A 11 -27.93 -0.93 -2.20
N ARG A 12 -27.93 -1.87 -3.16
CA ARG A 12 -29.04 -1.96 -4.12
C ARG A 12 -29.77 -3.31 -4.27
N GLY A 13 -29.27 -4.38 -3.66
CA GLY A 13 -29.84 -5.71 -3.82
C GLY A 13 -31.21 -6.03 -3.27
N GLY A 14 -31.52 -5.52 -2.09
CA GLY A 14 -32.79 -5.79 -1.45
C GLY A 14 -32.62 -6.02 0.04
N ARG A 15 -33.73 -6.04 0.77
CA ARG A 15 -33.69 -6.20 2.20
C ARG A 15 -33.12 -7.53 2.69
N GLU A 16 -33.26 -8.63 1.91
CA GLU A 16 -32.71 -9.93 2.33
C GLU A 16 -31.17 -9.89 2.25
N ASP A 17 -30.60 -9.09 1.35
CA ASP A 17 -29.17 -8.89 1.26
C ASP A 17 -28.67 -8.13 2.46
N ARG A 18 -29.43 -7.18 2.98
CA ARG A 18 -29.05 -6.42 4.15
C ARG A 18 -28.86 -7.34 5.37
N THR A 19 -29.80 -8.28 5.58
CA THR A 19 -29.75 -9.21 6.72
C THR A 19 -28.61 -10.24 6.51
N LEU A 20 -28.35 -10.64 5.27
CA LEU A 20 -27.23 -11.50 4.92
C LEU A 20 -25.88 -10.78 5.21
N TYR A 21 -25.74 -9.51 4.82
CA TYR A 21 -24.51 -8.74 5.11
C TYR A 21 -24.34 -8.58 6.60
N GLU A 22 -25.45 -8.38 7.37
CA GLU A 22 -25.33 -8.33 8.84
C GLU A 22 -24.78 -9.66 9.38
N ARG A 23 -25.22 -10.79 8.83
CA ARG A 23 -24.72 -12.10 9.24
C ARG A 23 -23.23 -12.30 8.87
N ILE A 24 -22.80 -11.78 7.72
CA ILE A 24 -21.38 -11.83 7.32
C ILE A 24 -20.57 -11.02 8.31
N VAL A 25 -21.02 -9.78 8.59
CA VAL A 25 -20.32 -8.90 9.52
C VAL A 25 -20.30 -9.50 10.94
N SER A 26 -21.41 -10.10 11.38
CA SER A 26 -21.45 -10.77 12.70
C SER A 26 -20.38 -11.88 12.80
N ARG A 27 -20.23 -12.70 11.76
CA ARG A 27 -19.20 -13.74 11.76
C ARG A 27 -17.80 -13.14 11.71
N LEU A 28 -17.58 -12.12 10.85
CA LEU A 28 -16.30 -11.40 10.79
C LEU A 28 -15.91 -10.82 12.14
N ARG A 29 -16.89 -10.30 12.90
CA ARG A 29 -16.61 -9.73 14.21
CA ARG A 29 -16.65 -9.74 14.22
C ARG A 29 -16.05 -10.77 15.19
N ARG A 30 -16.28 -12.07 14.94
CA ARG A 30 -15.69 -13.10 15.80
C ARG A 30 -14.17 -13.20 15.58
N PHE A 31 -13.67 -12.77 14.40
CA PHE A 31 -12.28 -12.87 14.00
C PHE A 31 -11.47 -11.60 14.18
N GLY A 32 -12.13 -10.46 14.36
CA GLY A 32 -11.42 -9.19 14.50
C GLY A 32 -12.35 -8.01 14.57
N THR A 33 -11.77 -6.83 14.62
CA THR A 33 -12.54 -5.59 14.62
C THR A 33 -13.04 -5.33 13.19
N VAL A 34 -14.34 -5.12 12.96
CA VAL A 34 -14.83 -4.83 11.62
C VAL A 34 -14.93 -3.31 11.48
N LEU A 35 -13.99 -2.71 10.75
CA LEU A 35 -13.91 -1.26 10.63
C LEU A 35 -15.17 -0.63 10.09
N THR A 36 -15.88 -1.36 9.21
CA THR A 36 -17.07 -0.82 8.55
C THR A 36 -18.39 -1.33 9.18
N GLU A 37 -18.33 -1.92 10.39
CA GLU A 37 -19.51 -2.52 11.03
C GLU A 37 -20.68 -1.53 11.26
N HIS A 38 -20.41 -0.25 11.50
CA HIS A 38 -21.48 0.73 11.80
C HIS A 38 -21.97 1.53 10.54
N VAL A 39 -21.44 1.23 9.34
CA VAL A 39 -21.89 1.92 8.14
C VAL A 39 -23.40 1.64 7.93
N ALA A 40 -24.22 2.72 7.92
CA ALA A 40 -25.66 2.57 7.78
C ALA A 40 -25.91 2.56 6.29
N ALA A 41 -25.57 1.42 5.71
CA ALA A 41 -25.63 1.14 4.28
C ALA A 41 -27.01 1.36 3.68
N ALA A 42 -28.08 0.84 4.32
CA ALA A 42 -29.42 1.01 3.78
C ALA A 42 -29.85 2.48 3.63
N GLU A 43 -29.31 3.39 4.45
CA GLU A 43 -29.62 4.81 4.35
C GLU A 43 -28.73 5.59 3.34
N LEU A 44 -27.63 4.99 2.85
CA LEU A 44 -26.71 5.66 1.92
C LEU A 44 -27.32 6.04 0.55
N GLY A 54 -19.46 16.61 1.66
CA GLY A 54 -20.27 15.45 2.03
C GLY A 54 -19.72 14.16 1.48
N ASP A 55 -19.72 14.03 0.13
CA ASP A 55 -19.21 12.86 -0.54
C ASP A 55 -17.70 12.73 -0.41
N ARG A 56 -16.98 13.88 -0.32
CA ARG A 56 -15.54 13.85 -0.12
C ARG A 56 -15.17 13.24 1.25
N LEU A 57 -15.95 13.54 2.30
CA LEU A 57 -15.68 13.03 3.64
C LEU A 57 -15.91 11.51 3.66
N ILE A 58 -16.97 11.02 2.99
CA ILE A 58 -17.21 9.59 2.84
C ILE A 58 -16.01 8.93 2.13
N HIS A 59 -15.58 9.46 0.96
CA HIS A 59 -14.43 8.91 0.25
C HIS A 59 -13.16 8.86 1.14
N GLU A 60 -12.87 9.95 1.86
CA GLU A 60 -11.66 9.97 2.69
C GLU A 60 -11.75 9.00 3.87
N GLN A 61 -12.90 8.87 4.52
CA GLN A 61 -13.05 7.92 5.61
C GLN A 61 -12.93 6.48 5.05
N ASP A 62 -13.47 6.23 3.85
CA ASP A 62 -13.40 4.90 3.22
C ASP A 62 -11.95 4.52 2.93
N LEU A 63 -11.16 5.44 2.34
CA LEU A 63 -9.75 5.17 2.07
C LEU A 63 -8.97 4.95 3.37
N GLU A 64 -9.26 5.69 4.42
CA GLU A 64 -8.57 5.51 5.72
C GLU A 64 -8.84 4.07 6.25
N TRP A 65 -10.10 3.64 6.23
CA TRP A 65 -10.46 2.28 6.62
C TRP A 65 -9.77 1.22 5.74
N LEU A 66 -9.76 1.40 4.40
CA LEU A 66 -9.09 0.44 3.50
C LEU A 66 -7.61 0.31 3.84
N GLN A 67 -6.92 1.44 4.04
CA GLN A 67 -5.49 1.44 4.37
C GLN A 67 -5.15 0.79 5.71
N GLN A 68 -6.06 0.90 6.68
CA GLN A 68 -5.95 0.36 8.05
C GLN A 68 -6.39 -1.11 8.14
N ALA A 69 -6.90 -1.73 7.05
CA ALA A 69 -7.40 -3.12 7.11
C ALA A 69 -6.30 -4.14 6.95
N ASP A 70 -6.45 -5.30 7.59
CA ASP A 70 -5.59 -6.50 7.38
C ASP A 70 -6.20 -7.34 6.27
N VAL A 71 -7.55 -7.39 6.19
CA VAL A 71 -8.19 -8.12 5.12
C VAL A 71 -9.47 -7.38 4.68
N VAL A 72 -9.71 -7.39 3.37
CA VAL A 72 -10.86 -6.75 2.77
C VAL A 72 -11.80 -7.86 2.29
N VAL A 73 -13.05 -7.84 2.75
CA VAL A 73 -14.05 -8.84 2.41
C VAL A 73 -15.15 -8.09 1.65
N ALA A 74 -15.34 -8.40 0.37
CA ALA A 74 -16.31 -7.69 -0.46
C ALA A 74 -17.40 -8.63 -0.93
N GLU A 75 -18.65 -8.24 -0.74
CA GLU A 75 -19.78 -9.03 -1.27
C GLU A 75 -20.04 -8.46 -2.68
N VAL A 76 -19.69 -9.22 -3.72
CA VAL A 76 -19.72 -8.74 -5.08
C VAL A 76 -20.89 -9.31 -5.93
N THR A 77 -21.98 -9.73 -5.28
CA THR A 77 -23.12 -10.26 -6.05
C THR A 77 -23.81 -9.15 -6.81
N GLN A 78 -24.01 -8.01 -6.17
CA GLN A 78 -24.66 -6.88 -6.82
C GLN A 78 -23.65 -5.98 -7.49
N PRO A 79 -23.92 -5.58 -8.75
CA PRO A 79 -23.02 -4.62 -9.42
C PRO A 79 -22.95 -3.32 -8.63
N SER A 80 -21.74 -2.76 -8.44
CA SER A 80 -21.60 -1.54 -7.65
C SER A 80 -20.33 -0.84 -8.04
N LEU A 81 -20.41 0.45 -8.39
CA LEU A 81 -19.22 1.24 -8.69
C LEU A 81 -18.35 1.36 -7.40
N GLY A 82 -19.01 1.61 -6.25
CA GLY A 82 -18.34 1.80 -4.97
C GLY A 82 -17.56 0.58 -4.53
N VAL A 83 -18.16 -0.61 -4.65
CA VAL A 83 -17.47 -1.85 -4.23
C VAL A 83 -16.25 -2.10 -5.17
N GLY A 84 -16.44 -1.85 -6.47
CA GLY A 84 -15.36 -2.03 -7.44
C GLY A 84 -14.21 -1.08 -7.14
N TYR A 85 -14.53 0.16 -6.83
CA TYR A 85 -13.54 1.21 -6.54
C TYR A 85 -12.75 0.85 -5.28
N GLU A 86 -13.47 0.43 -4.23
CA GLU A 86 -12.84 -0.02 -2.99
C GLU A 86 -11.87 -1.18 -3.27
N LEU A 87 -12.27 -2.14 -4.14
CA LEU A 87 -11.43 -3.29 -4.50
C LEU A 87 -10.17 -2.86 -5.27
N GLY A 88 -10.30 -1.93 -6.23
CA GLY A 88 -9.15 -1.43 -6.99
C GLY A 88 -8.19 -0.69 -6.06
N ARG A 89 -8.72 0.15 -5.15
CA ARG A 89 -7.86 0.84 -4.18
C ARG A 89 -7.19 -0.18 -3.22
N ALA A 90 -7.93 -1.20 -2.80
CA ALA A 90 -7.43 -2.24 -1.88
C ALA A 90 -6.29 -3.02 -2.54
N VAL A 91 -6.43 -3.37 -3.84
CA VAL A 91 -5.36 -4.10 -4.55
C VAL A 91 -4.09 -3.23 -4.55
N ALA A 92 -4.24 -1.95 -4.86
CA ALA A 92 -3.09 -1.03 -4.92
C ALA A 92 -2.51 -0.72 -3.55
N PHE A 93 -3.30 -0.90 -2.48
CA PHE A 93 -2.84 -0.78 -1.10
C PHE A 93 -2.24 -2.13 -0.61
N ASN A 94 -2.03 -3.15 -1.51
CA ASN A 94 -1.41 -4.45 -1.20
C ASN A 94 -2.24 -5.22 -0.13
N LYS A 95 -3.58 -5.08 -0.19
CA LYS A 95 -4.42 -5.74 0.79
C LYS A 95 -4.74 -7.13 0.40
N ARG A 96 -4.90 -7.99 1.38
CA ARG A 96 -5.36 -9.33 1.15
C ARG A 96 -6.91 -9.20 1.03
N ILE A 97 -7.48 -9.85 0.00
CA ILE A 97 -8.87 -9.70 -0.38
C ILE A 97 -9.61 -11.03 -0.56
N LEU A 98 -10.85 -11.05 -0.06
CA LEU A 98 -11.72 -12.17 -0.26
C LEU A 98 -13.05 -11.57 -0.83
N CYS A 99 -13.43 -12.00 -2.06
CA CYS A 99 -14.71 -11.59 -2.66
C CYS A 99 -15.68 -12.76 -2.49
N LEU A 100 -16.93 -12.46 -2.18
CA LEU A 100 -17.96 -13.47 -1.96
C LEU A 100 -19.06 -13.23 -2.99
N PHE A 101 -19.37 -14.25 -3.76
CA PHE A 101 -20.34 -14.11 -4.84
C PHE A 101 -21.41 -15.22 -4.76
N ARG A 102 -22.66 -14.84 -4.98
CA ARG A 102 -23.76 -15.82 -4.95
C ARG A 102 -24.20 -16.12 -6.40
N PRO A 103 -23.82 -17.29 -6.97
CA PRO A 103 -24.24 -17.59 -8.35
C PRO A 103 -25.75 -17.89 -8.51
N GLN A 104 -26.46 -18.14 -7.40
CA GLN A 104 -27.92 -18.35 -7.47
C GLN A 104 -28.66 -17.07 -7.91
N SER A 105 -27.99 -15.89 -7.78
CA SER A 105 -28.52 -14.60 -8.23
C SER A 105 -28.82 -14.57 -9.74
N GLY A 106 -28.32 -15.57 -10.50
CA GLY A 106 -28.49 -15.69 -11.94
C GLY A 106 -27.45 -14.95 -12.75
N ARG A 107 -26.86 -13.88 -12.16
CA ARG A 107 -25.84 -13.03 -12.78
C ARG A 107 -24.52 -13.75 -12.97
N VAL A 108 -23.71 -13.25 -13.90
CA VAL A 108 -22.35 -13.72 -14.10
C VAL A 108 -21.46 -12.60 -13.56
N LEU A 109 -20.57 -12.93 -12.61
CA LEU A 109 -19.70 -11.94 -12.00
C LEU A 109 -18.77 -11.31 -13.04
N SER A 110 -18.58 -9.98 -12.98
CA SER A 110 -17.63 -9.24 -13.81
C SER A 110 -16.27 -9.95 -13.94
N ALA A 111 -15.77 -10.08 -15.18
CA ALA A 111 -14.47 -10.68 -15.45
C ALA A 111 -13.33 -9.84 -14.83
N MET A 112 -13.54 -8.52 -14.64
N MET A 112 -13.56 -8.53 -14.63
CA MET A 112 -12.54 -7.68 -14.00
CA MET A 112 -12.57 -7.69 -13.99
C MET A 112 -12.32 -8.15 -12.55
C MET A 112 -12.36 -8.03 -12.51
N ILE A 113 -13.39 -8.62 -11.87
CA ILE A 113 -13.27 -9.07 -10.49
C ILE A 113 -12.83 -10.52 -10.49
N ARG A 114 -13.51 -11.38 -11.23
CA ARG A 114 -13.17 -12.79 -11.26
C ARG A 114 -11.70 -13.02 -11.77
N GLY A 115 -11.30 -12.27 -12.76
CA GLY A 115 -9.96 -12.31 -13.37
C GLY A 115 -8.86 -11.72 -12.51
N ALA A 116 -9.22 -10.92 -11.49
CA ALA A 116 -8.21 -10.36 -10.56
C ALA A 116 -7.73 -11.43 -9.58
N ALA A 117 -8.47 -12.54 -9.42
CA ALA A 117 -8.13 -13.59 -8.48
C ALA A 117 -6.86 -14.31 -8.83
N ASP A 118 -6.03 -14.55 -7.81
CA ASP A 118 -4.81 -15.32 -7.97
C ASP A 118 -4.83 -16.60 -7.09
N GLY A 119 -5.95 -16.88 -6.40
CA GLY A 119 -6.03 -18.02 -5.52
C GLY A 119 -5.30 -17.87 -4.20
N SER A 120 -4.69 -16.69 -3.94
CA SER A 120 -3.98 -16.45 -2.68
C SER A 120 -4.40 -15.12 -2.03
N ARG A 121 -3.74 -13.99 -2.35
CA ARG A 121 -4.10 -12.72 -1.73
C ARG A 121 -5.32 -12.07 -2.36
N PHE A 122 -5.86 -12.62 -3.44
CA PHE A 122 -7.10 -12.13 -4.02
C PHE A 122 -7.84 -13.40 -4.40
N GLN A 123 -8.88 -13.71 -3.64
CA GLN A 123 -9.67 -14.90 -3.94
C GLN A 123 -11.11 -14.50 -4.13
N VAL A 124 -11.80 -15.23 -5.02
CA VAL A 124 -13.22 -15.04 -5.23
C VAL A 124 -13.90 -16.35 -4.95
N TRP A 125 -14.80 -16.37 -3.96
CA TRP A 125 -15.45 -17.60 -3.55
C TRP A 125 -16.96 -17.54 -3.86
N ASP A 126 -17.47 -18.56 -4.58
CA ASP A 126 -18.89 -18.67 -4.83
C ASP A 126 -19.52 -19.33 -3.61
N TYR A 127 -20.72 -18.93 -3.25
CA TYR A 127 -21.39 -19.50 -2.09
C TYR A 127 -22.93 -19.44 -2.17
N GLU A 128 -23.58 -20.21 -1.32
CA GLU A 128 -25.02 -20.22 -1.11
C GLU A 128 -25.22 -19.56 0.26
N GLU A 129 -26.20 -18.67 0.40
CA GLU A 129 -26.41 -17.89 1.63
C GLU A 129 -26.33 -18.70 2.94
N GLY A 130 -26.85 -19.92 2.94
CA GLY A 130 -26.91 -20.74 4.16
C GLY A 130 -25.57 -21.19 4.67
N GLU A 131 -24.55 -21.25 3.79
CA GLU A 131 -23.23 -21.73 4.19
C GLU A 131 -22.22 -20.59 4.44
N VAL A 132 -22.64 -19.31 4.44
CA VAL A 132 -21.69 -18.20 4.53
C VAL A 132 -20.86 -18.25 5.82
N GLU A 133 -21.48 -18.52 6.99
CA GLU A 133 -20.76 -18.62 8.26
C GLU A 133 -19.67 -19.68 8.22
N ALA A 134 -20.00 -20.87 7.67
CA ALA A 134 -19.07 -22.00 7.59
C ALA A 134 -17.92 -21.64 6.63
N LEU A 135 -18.22 -20.97 5.51
CA LEU A 135 -17.18 -20.54 4.58
C LEU A 135 -16.21 -19.52 5.20
N LEU A 136 -16.74 -18.57 5.99
CA LEU A 136 -15.88 -17.59 6.64
C LEU A 136 -15.03 -18.26 7.70
N ASP A 137 -15.59 -19.28 8.41
CA ASP A 137 -14.79 -20.06 9.38
C ASP A 137 -13.57 -20.70 8.65
N ARG A 138 -13.80 -21.21 7.44
CA ARG A 138 -12.75 -21.85 6.63
C ARG A 138 -11.64 -20.84 6.25
N TYR A 139 -12.06 -19.68 5.74
CA TYR A 139 -11.08 -18.66 5.37
C TYR A 139 -10.32 -18.11 6.58
N PHE A 140 -11.02 -17.88 7.70
CA PHE A 140 -10.39 -17.26 8.85
C PHE A 140 -9.79 -18.24 9.83
N GLU A 141 -9.69 -19.55 9.47
CA GLU A 141 -8.99 -20.55 10.31
C GLU A 141 -7.61 -20.91 9.72
N PRO B 3 -1.72 10.87 -28.11
CA PRO B 3 -2.21 10.61 -26.75
C PRO B 3 -3.15 9.42 -26.75
N ALA B 4 -2.91 8.45 -25.86
CA ALA B 4 -3.75 7.26 -25.80
C ALA B 4 -4.88 7.50 -24.79
N LEU B 5 -6.11 7.23 -25.20
CA LEU B 5 -7.28 7.44 -24.37
C LEU B 5 -7.91 6.12 -24.05
N TYR B 6 -8.31 5.96 -22.78
CA TYR B 6 -8.94 4.76 -22.31
C TYR B 6 -10.40 5.06 -22.09
N PHE B 7 -11.31 4.19 -22.54
CA PHE B 7 -12.74 4.38 -22.26
C PHE B 7 -13.30 3.12 -21.66
N CYS B 8 -14.17 3.28 -20.66
CA CYS B 8 -14.91 2.14 -20.16
C CYS B 8 -16.29 2.58 -19.74
N GLY B 9 -17.20 1.63 -19.70
CA GLY B 9 -18.58 1.80 -19.27
C GLY B 9 -19.14 0.46 -18.86
N SER B 10 -20.29 0.45 -18.17
CA SER B 10 -20.89 -0.81 -17.74
C SER B 10 -21.42 -1.64 -18.90
N ILE B 11 -21.66 -2.92 -18.65
CA ILE B 11 -22.27 -3.77 -19.66
C ILE B 11 -23.74 -3.33 -19.87
N ARG B 12 -24.45 -2.96 -18.79
CA ARG B 12 -25.84 -2.49 -18.90
C ARG B 12 -25.92 -1.08 -19.48
N GLU B 16 -28.55 -0.68 -23.44
CA GLU B 16 -29.50 0.38 -23.10
C GLU B 16 -29.09 1.69 -23.75
N ASP B 17 -27.80 2.04 -23.62
CA ASP B 17 -27.27 3.28 -24.16
C ASP B 17 -25.99 3.00 -24.95
N ARG B 18 -25.99 1.89 -25.74
CA ARG B 18 -24.85 1.49 -26.57
C ARG B 18 -24.45 2.61 -27.52
N THR B 19 -25.44 3.31 -28.08
CA THR B 19 -25.21 4.42 -28.99
C THR B 19 -24.49 5.59 -28.30
N LEU B 20 -24.82 5.84 -27.03
CA LEU B 20 -24.18 6.92 -26.28
C LEU B 20 -22.74 6.57 -25.97
N TYR B 21 -22.43 5.28 -25.69
CA TYR B 21 -21.04 4.88 -25.45
C TYR B 21 -20.28 4.98 -26.77
N GLU B 22 -20.89 4.55 -27.87
CA GLU B 22 -20.27 4.65 -29.19
C GLU B 22 -20.00 6.10 -29.57
N ARG B 23 -20.93 7.01 -29.24
CA ARG B 23 -20.79 8.44 -29.48
C ARG B 23 -19.60 8.98 -28.69
N ILE B 24 -19.45 8.51 -27.42
CA ILE B 24 -18.32 8.98 -26.62
C ILE B 24 -16.99 8.55 -27.23
N VAL B 25 -16.87 7.28 -27.61
CA VAL B 25 -15.65 6.77 -28.21
C VAL B 25 -15.35 7.46 -29.55
N SER B 26 -16.41 7.73 -30.37
CA SER B 26 -16.21 8.45 -31.63
C SER B 26 -15.65 9.86 -31.35
N ARG B 27 -16.16 10.55 -30.30
CA ARG B 27 -15.66 11.88 -29.96
C ARG B 27 -14.23 11.84 -29.46
N LEU B 28 -13.92 10.87 -28.56
CA LEU B 28 -12.55 10.72 -28.03
C LEU B 28 -11.57 10.38 -29.15
N ARG B 29 -12.00 9.61 -30.16
CA ARG B 29 -11.13 9.27 -31.29
C ARG B 29 -10.64 10.52 -32.04
N ARG B 30 -11.32 11.68 -31.89
CA ARG B 30 -10.88 12.95 -32.47
C ARG B 30 -9.69 13.57 -31.69
N PHE B 31 -9.40 13.08 -30.48
CA PHE B 31 -8.32 13.63 -29.65
C PHE B 31 -7.09 12.70 -29.52
N GLY B 32 -7.24 11.45 -29.91
CA GLY B 32 -6.14 10.49 -29.86
C GLY B 32 -6.61 9.09 -30.20
N THR B 33 -5.76 8.10 -29.93
CA THR B 33 -6.12 6.70 -30.17
C THR B 33 -6.91 6.20 -28.97
N VAL B 34 -8.04 5.50 -29.19
CA VAL B 34 -8.82 4.94 -28.11
C VAL B 34 -8.45 3.47 -27.94
N LEU B 35 -7.63 3.17 -26.92
CA LEU B 35 -7.16 1.80 -26.65
C LEU B 35 -8.29 0.77 -26.55
N THR B 36 -9.45 1.20 -26.06
CA THR B 36 -10.55 0.27 -25.80
C THR B 36 -11.70 0.37 -26.80
N GLU B 37 -11.46 0.92 -28.00
CA GLU B 37 -12.54 1.08 -29.00
C GLU B 37 -13.12 -0.22 -29.55
N HIS B 38 -12.36 -1.32 -29.55
CA HIS B 38 -12.84 -2.59 -30.09
C HIS B 38 -13.26 -3.61 -29.04
N GLY B 54 -9.99 -17.64 -18.94
CA GLY B 54 -10.49 -16.55 -19.76
C GLY B 54 -10.57 -15.19 -19.06
N ASP B 55 -11.10 -15.17 -17.83
CA ASP B 55 -11.25 -13.93 -17.07
C ASP B 55 -9.93 -13.30 -16.70
N ARG B 56 -8.91 -14.12 -16.43
CA ARG B 56 -7.59 -13.62 -16.11
C ARG B 56 -7.01 -12.83 -17.27
N LEU B 57 -7.17 -13.35 -18.51
CA LEU B 57 -6.63 -12.65 -19.69
C LEU B 57 -7.31 -11.30 -19.85
N ILE B 58 -8.62 -11.24 -19.60
CA ILE B 58 -9.38 -9.99 -19.71
C ILE B 58 -8.87 -8.98 -18.72
N HIS B 59 -8.65 -9.42 -17.47
CA HIS B 59 -8.14 -8.57 -16.41
C HIS B 59 -6.75 -8.04 -16.76
N GLU B 60 -5.84 -8.94 -17.18
CA GLU B 60 -4.49 -8.52 -17.51
C GLU B 60 -4.47 -7.51 -18.65
N GLN B 61 -5.27 -7.76 -19.70
CA GLN B 61 -5.33 -6.82 -20.84
C GLN B 61 -5.86 -5.45 -20.43
N ASP B 62 -6.87 -5.43 -19.56
CA ASP B 62 -7.47 -4.19 -19.10
C ASP B 62 -6.47 -3.35 -18.34
N LEU B 63 -5.74 -3.99 -17.43
CA LEU B 63 -4.73 -3.32 -16.60
C LEU B 63 -3.59 -2.78 -17.46
N GLU B 64 -3.20 -3.50 -18.53
CA GLU B 64 -2.16 -3.00 -19.44
C GLU B 64 -2.63 -1.72 -20.13
N TRP B 65 -3.89 -1.71 -20.64
CA TRP B 65 -4.47 -0.52 -21.26
C TRP B 65 -4.58 0.63 -20.27
N LEU B 66 -4.97 0.35 -19.00
CA LEU B 66 -5.06 1.42 -17.99
C LEU B 66 -3.70 2.08 -17.77
N GLN B 67 -2.63 1.27 -17.77
CA GLN B 67 -1.27 1.79 -17.55
C GLN B 67 -0.75 2.60 -18.76
N GLN B 68 -1.09 2.17 -19.98
CA GLN B 68 -0.72 2.91 -21.21
C GLN B 68 -1.49 4.22 -21.39
N ALA B 69 -2.67 4.32 -20.78
CA ALA B 69 -3.52 5.47 -20.93
C ALA B 69 -2.95 6.77 -20.46
N ASP B 70 -3.18 7.82 -21.22
CA ASP B 70 -2.86 9.19 -20.82
C ASP B 70 -4.08 9.79 -20.09
N VAL B 71 -5.30 9.31 -20.39
CA VAL B 71 -6.50 9.80 -19.74
C VAL B 71 -7.51 8.66 -19.73
N VAL B 72 -8.20 8.52 -18.58
CA VAL B 72 -9.17 7.47 -18.42
C VAL B 72 -10.52 8.14 -18.43
N VAL B 73 -11.42 7.70 -19.32
CA VAL B 73 -12.76 8.27 -19.38
C VAL B 73 -13.74 7.18 -19.05
N ALA B 74 -14.57 7.37 -18.01
CA ALA B 74 -15.51 6.33 -17.62
C ALA B 74 -16.90 6.84 -17.68
N GLU B 75 -17.83 6.04 -18.22
CA GLU B 75 -19.25 6.40 -18.17
C GLU B 75 -19.76 5.65 -16.95
N VAL B 76 -20.17 6.39 -15.89
CA VAL B 76 -20.52 5.85 -14.59
C VAL B 76 -22.00 5.97 -14.23
N THR B 77 -22.88 6.11 -15.24
CA THR B 77 -24.32 6.22 -15.01
C THR B 77 -24.87 4.94 -14.45
N GLN B 78 -24.47 3.81 -15.00
CA GLN B 78 -24.97 2.51 -14.52
C GLN B 78 -23.98 1.84 -13.56
N PRO B 79 -24.47 1.17 -12.50
CA PRO B 79 -23.52 0.54 -11.56
C PRO B 79 -22.70 -0.54 -12.21
N SER B 80 -21.43 -0.65 -11.83
CA SER B 80 -20.55 -1.66 -12.43
C SER B 80 -19.39 -1.95 -11.51
N LEU B 81 -19.19 -3.22 -11.15
CA LEU B 81 -18.02 -3.61 -10.34
C LEU B 81 -16.74 -3.33 -11.18
N GLY B 82 -16.77 -3.74 -12.46
CA GLY B 82 -15.61 -3.53 -13.33
C GLY B 82 -15.16 -2.11 -13.56
N VAL B 83 -16.12 -1.20 -13.80
CA VAL B 83 -15.79 0.20 -14.03
C VAL B 83 -15.23 0.82 -12.72
N GLY B 84 -15.82 0.46 -11.58
CA GLY B 84 -15.33 0.95 -10.30
C GLY B 84 -13.89 0.47 -10.05
N TYR B 85 -13.62 -0.82 -10.36
CA TYR B 85 -12.30 -1.47 -10.19
C TYR B 85 -11.26 -0.75 -11.03
N GLU B 86 -11.60 -0.50 -12.33
CA GLU B 86 -10.69 0.19 -13.24
C GLU B 86 -10.41 1.59 -12.72
N LEU B 87 -11.41 2.29 -12.18
CA LEU B 87 -11.18 3.64 -11.63
C LEU B 87 -10.27 3.63 -10.38
N GLY B 88 -10.44 2.64 -9.51
CA GLY B 88 -9.60 2.53 -8.32
C GLY B 88 -8.17 2.23 -8.71
N ARG B 89 -7.96 1.27 -9.64
CA ARG B 89 -6.61 0.96 -10.13
C ARG B 89 -6.00 2.19 -10.86
N ALA B 90 -6.82 2.92 -11.65
CA ALA B 90 -6.37 4.12 -12.38
C ALA B 90 -5.94 5.22 -11.42
N VAL B 91 -6.68 5.46 -10.29
CA VAL B 91 -6.27 6.48 -9.30
C VAL B 91 -4.89 6.13 -8.73
N ALA B 92 -4.69 4.85 -8.42
CA ALA B 92 -3.43 4.38 -7.85
C ALA B 92 -2.29 4.46 -8.85
N PHE B 93 -2.58 4.38 -10.17
CA PHE B 93 -1.58 4.59 -11.23
C PHE B 93 -1.33 6.10 -11.50
N ASN B 94 -2.02 6.99 -10.75
CA ASN B 94 -1.97 8.44 -10.85
C ASN B 94 -2.44 8.94 -12.22
N LYS B 95 -3.51 8.31 -12.75
CA LYS B 95 -4.01 8.71 -14.05
C LYS B 95 -4.94 9.90 -13.97
N ARG B 96 -4.96 10.72 -15.06
CA ARG B 96 -5.92 11.81 -15.21
C ARG B 96 -7.24 11.08 -15.56
N ILE B 97 -8.29 11.42 -14.86
CA ILE B 97 -9.55 10.69 -14.94
C ILE B 97 -10.70 11.61 -15.12
N LEU B 98 -11.60 11.23 -16.02
CA LEU B 98 -12.84 11.96 -16.24
C LEU B 98 -14.00 10.98 -16.18
N CYS B 99 -14.94 11.21 -15.25
CA CYS B 99 -16.14 10.37 -15.11
C CYS B 99 -17.33 11.15 -15.66
N LEU B 100 -18.22 10.49 -16.42
CA LEU B 100 -19.41 11.08 -17.00
C LEU B 100 -20.65 10.41 -16.43
N PHE B 101 -21.49 11.19 -15.82
CA PHE B 101 -22.69 10.69 -15.18
C PHE B 101 -23.91 11.39 -15.78
N ARG B 102 -25.01 10.66 -15.96
CA ARG B 102 -26.24 11.22 -16.52
C ARG B 102 -27.32 11.26 -15.47
N PRO B 103 -27.52 12.41 -14.80
CA PRO B 103 -28.56 12.46 -13.76
C PRO B 103 -29.99 12.22 -14.25
N GLN B 104 -30.24 12.30 -15.57
CA GLN B 104 -31.57 12.03 -16.14
C GLN B 104 -31.95 10.54 -16.07
N SER B 105 -30.97 9.65 -15.79
CA SER B 105 -31.25 8.22 -15.62
C SER B 105 -32.10 7.94 -14.35
N GLY B 106 -32.20 8.91 -13.44
CA GLY B 106 -32.93 8.75 -12.18
C GLY B 106 -32.06 8.25 -11.03
N ARG B 107 -30.88 7.69 -11.34
CA ARG B 107 -29.96 7.17 -10.33
C ARG B 107 -29.15 8.26 -9.60
N VAL B 108 -28.60 7.92 -8.44
CA VAL B 108 -27.74 8.78 -7.65
C VAL B 108 -26.36 8.11 -7.72
N LEU B 109 -25.36 8.86 -8.17
CA LEU B 109 -24.02 8.34 -8.33
C LEU B 109 -23.39 7.99 -6.97
N SER B 110 -22.69 6.85 -6.91
CA SER B 110 -21.97 6.40 -5.73
C SER B 110 -21.09 7.50 -5.12
N ALA B 111 -21.20 7.69 -3.81
CA ALA B 111 -20.35 8.65 -3.10
C ALA B 111 -18.87 8.30 -3.23
N MET B 112 -18.50 7.01 -3.47
CA MET B 112 -17.07 6.65 -3.62
C MET B 112 -16.49 7.32 -4.89
N ILE B 113 -17.32 7.44 -5.94
CA ILE B 113 -16.88 8.03 -7.21
C ILE B 113 -17.00 9.54 -7.13
N ARG B 114 -18.14 10.04 -6.71
CA ARG B 114 -18.37 11.48 -6.57
C ARG B 114 -17.33 12.12 -5.61
N GLY B 115 -17.08 11.47 -4.47
CA GLY B 115 -16.11 11.92 -3.47
C GLY B 115 -14.66 11.78 -3.87
N ALA B 116 -14.33 10.98 -4.91
CA ALA B 116 -12.94 10.88 -5.37
C ALA B 116 -12.52 12.14 -6.16
N ALA B 117 -13.47 12.94 -6.65
CA ALA B 117 -13.14 14.12 -7.44
C ALA B 117 -12.42 15.18 -6.62
N ASP B 118 -11.38 15.74 -7.20
CA ASP B 118 -10.63 16.87 -6.65
C ASP B 118 -10.73 18.11 -7.58
N GLY B 119 -11.32 17.95 -8.78
CA GLY B 119 -11.50 19.03 -9.76
C GLY B 119 -10.36 19.18 -10.75
N SER B 120 -9.27 18.43 -10.57
CA SER B 120 -8.12 18.54 -11.46
C SER B 120 -7.79 17.19 -12.12
N ARG B 121 -7.07 16.28 -11.43
CA ARG B 121 -6.73 15.00 -11.99
C ARG B 121 -7.89 14.00 -11.90
N PHE B 122 -8.90 14.23 -11.06
CA PHE B 122 -10.07 13.35 -11.00
C PHE B 122 -11.27 14.24 -11.08
N GLN B 123 -12.01 14.17 -12.20
CA GLN B 123 -13.19 15.01 -12.36
C GLN B 123 -14.43 14.20 -12.65
N VAL B 124 -15.56 14.65 -12.15
CA VAL B 124 -16.82 13.96 -12.31
C VAL B 124 -17.80 14.99 -12.86
N TRP B 125 -18.20 14.82 -14.10
CA TRP B 125 -19.09 15.78 -14.74
C TRP B 125 -20.47 15.20 -14.99
N ASP B 126 -21.50 15.88 -14.50
CA ASP B 126 -22.88 15.51 -14.85
C ASP B 126 -23.13 16.02 -16.28
N TYR B 127 -23.97 15.30 -17.04
CA TYR B 127 -24.27 15.71 -18.40
C TYR B 127 -25.63 15.27 -18.86
N GLU B 128 -26.13 15.97 -19.86
CA GLU B 128 -27.33 15.62 -20.59
C GLU B 128 -26.84 15.12 -21.94
N GLU B 129 -27.43 14.03 -22.39
CA GLU B 129 -27.13 13.30 -23.64
C GLU B 129 -26.67 14.24 -24.82
N GLY B 130 -27.38 15.35 -25.02
CA GLY B 130 -27.08 16.25 -26.13
C GLY B 130 -25.76 17.00 -26.05
N GLU B 131 -25.29 17.27 -24.83
CA GLU B 131 -24.07 18.06 -24.67
C GLU B 131 -22.80 17.26 -24.52
N VAL B 132 -22.86 15.91 -24.56
CA VAL B 132 -21.69 15.07 -24.32
C VAL B 132 -20.53 15.35 -25.29
N GLU B 133 -20.80 15.62 -26.59
CA GLU B 133 -19.71 15.91 -27.54
C GLU B 133 -19.04 17.24 -27.24
N ALA B 134 -19.85 18.27 -26.92
CA ALA B 134 -19.33 19.60 -26.60
C ALA B 134 -18.62 19.63 -25.24
N LEU B 135 -19.09 18.81 -24.28
CA LEU B 135 -18.41 18.73 -22.98
C LEU B 135 -17.06 18.11 -23.16
N LEU B 136 -16.95 17.03 -23.98
CA LEU B 136 -15.65 16.41 -24.23
C LEU B 136 -14.70 17.35 -24.95
N ASP B 137 -15.22 18.21 -25.88
CA ASP B 137 -14.37 19.18 -26.59
C ASP B 137 -13.80 20.16 -25.56
N ARG B 138 -14.67 20.68 -24.67
CA ARG B 138 -14.24 21.63 -23.65
C ARG B 138 -13.20 21.01 -22.70
N TYR B 139 -13.38 19.71 -22.38
CA TYR B 139 -12.44 19.02 -21.50
C TYR B 139 -11.05 18.96 -22.10
N PHE B 140 -10.95 18.60 -23.38
CA PHE B 140 -9.63 18.50 -24.02
C PHE B 140 -9.08 19.85 -24.52
N GLU B 141 -9.92 20.88 -24.63
CA GLU B 141 -9.45 22.21 -25.04
C GLU B 141 -8.92 23.02 -23.85
N PRO C 3 16.25 23.78 -6.17
CA PRO C 3 16.14 22.35 -5.80
C PRO C 3 16.24 22.13 -4.30
N ALA C 4 15.44 21.20 -3.75
CA ALA C 4 15.55 20.88 -2.33
C ALA C 4 16.26 19.52 -2.22
N LEU C 5 17.35 19.47 -1.46
CA LEU C 5 18.15 18.26 -1.30
C LEU C 5 17.95 17.77 0.11
N TYR C 6 17.85 16.45 0.26
CA TYR C 6 17.65 15.85 1.55
C TYR C 6 18.94 15.12 1.92
N PHE C 7 19.50 15.36 3.12
CA PHE C 7 20.69 14.62 3.54
C PHE C 7 20.41 13.83 4.79
N CYS C 8 20.94 12.58 4.85
CA CYS C 8 20.88 11.83 6.10
C CYS C 8 22.10 10.90 6.21
N GLY C 9 22.37 10.51 7.42
CA GLY C 9 23.46 9.59 7.76
C GLY C 9 23.20 9.06 9.15
N SER C 10 23.86 7.94 9.55
CA SER C 10 23.68 7.40 10.92
C SER C 10 24.00 8.47 11.95
N ILE C 11 23.40 8.41 13.14
CA ILE C 11 23.60 9.44 14.15
C ILE C 11 25.11 9.55 14.51
N ARG C 12 25.61 10.79 14.47
CA ARG C 12 27.02 11.13 14.66
C ARG C 12 27.68 10.42 15.83
N GLY C 13 28.65 9.57 15.51
CA GLY C 13 29.41 8.84 16.50
C GLY C 13 30.39 9.72 17.28
N GLY C 14 30.77 10.83 16.69
CA GLY C 14 31.71 11.77 17.27
C GLY C 14 32.11 12.83 16.26
N ARG C 15 33.27 13.45 16.46
CA ARG C 15 33.75 14.52 15.57
C ARG C 15 34.00 14.10 14.12
N GLU C 16 34.47 12.87 13.89
CA GLU C 16 34.76 12.42 12.53
C GLU C 16 33.50 12.39 11.66
N ASP C 17 32.37 11.88 12.18
CA ASP C 17 31.11 11.90 11.43
C ASP C 17 30.62 13.33 11.29
N ARG C 18 30.67 14.13 12.38
CA ARG C 18 30.24 15.52 12.33
C ARG C 18 30.97 16.31 11.21
N THR C 19 32.30 16.14 11.09
CA THR C 19 33.10 16.80 10.06
C THR C 19 32.76 16.27 8.66
N LEU C 20 32.65 14.95 8.47
CA LEU C 20 32.30 14.39 7.16
C LEU C 20 30.86 14.80 6.70
N TYR C 21 29.88 14.82 7.63
CA TYR C 21 28.51 15.21 7.26
C TYR C 21 28.48 16.70 6.94
N GLU C 22 29.21 17.52 7.72
CA GLU C 22 29.29 18.95 7.42
C GLU C 22 29.90 19.22 6.05
N ARG C 23 30.87 18.38 5.62
CA ARG C 23 31.48 18.49 4.31
C ARG C 23 30.52 18.08 3.19
N ILE C 24 29.71 17.02 3.40
CA ILE C 24 28.76 16.58 2.39
C ILE C 24 27.68 17.65 2.23
N VAL C 25 27.11 18.12 3.34
CA VAL C 25 26.06 19.15 3.38
C VAL C 25 26.56 20.48 2.79
N SER C 26 27.81 20.92 3.09
CA SER C 26 28.38 22.15 2.51
C SER C 26 28.48 22.01 1.01
N ARG C 27 28.81 20.82 0.50
CA ARG C 27 28.92 20.61 -0.94
C ARG C 27 27.55 20.53 -1.61
N LEU C 28 26.56 19.94 -0.90
CA LEU C 28 25.17 19.83 -1.40
C LEU C 28 24.54 21.24 -1.46
N ARG C 29 24.90 22.13 -0.50
CA ARG C 29 24.46 23.53 -0.46
C ARG C 29 24.75 24.30 -1.76
N ARG C 30 25.70 23.80 -2.59
CA ARG C 30 26.03 24.40 -3.87
C ARG C 30 25.02 24.07 -4.97
N PHE C 31 24.13 23.09 -4.76
CA PHE C 31 23.16 22.69 -5.79
C PHE C 31 21.68 22.95 -5.38
N GLY C 32 21.46 23.51 -4.21
CA GLY C 32 20.13 23.86 -3.75
C GLY C 32 20.07 24.03 -2.26
N THR C 33 18.85 24.09 -1.71
CA THR C 33 18.70 24.19 -0.26
C THR C 33 18.80 22.77 0.30
N VAL C 34 19.42 22.61 1.46
CA VAL C 34 19.55 21.31 2.10
C VAL C 34 18.51 21.34 3.16
N LEU C 35 17.41 20.59 3.00
CA LEU C 35 16.30 20.61 3.94
C LEU C 35 16.65 20.19 5.34
N THR C 36 17.63 19.29 5.46
CA THR C 36 18.02 18.73 6.75
C THR C 36 19.28 19.38 7.36
N GLU C 37 19.77 20.51 6.77
CA GLU C 37 20.99 21.23 7.20
C GLU C 37 21.02 21.60 8.68
N GLY C 54 8.31 13.74 21.53
CA GLY C 54 9.28 14.34 20.63
C GLY C 54 9.58 13.50 19.40
N ASP C 55 9.75 12.18 19.56
CA ASP C 55 10.07 11.29 18.43
C ASP C 55 9.03 11.34 17.31
N ARG C 56 7.74 11.47 17.67
CA ARG C 56 6.69 11.59 16.66
C ARG C 56 6.89 12.85 15.81
N LEU C 57 7.20 13.99 16.45
CA LEU C 57 7.46 15.26 15.77
C LEU C 57 8.65 15.15 14.83
N ILE C 58 9.71 14.45 15.26
CA ILE C 58 10.89 14.19 14.44
C ILE C 58 10.48 13.38 13.20
N HIS C 59 9.75 12.26 13.39
CA HIS C 59 9.27 11.42 12.28
C HIS C 59 8.42 12.23 11.30
N GLU C 60 7.44 12.99 11.81
CA GLU C 60 6.57 13.80 10.96
C GLU C 60 7.33 14.86 10.19
N GLN C 61 8.29 15.54 10.84
CA GLN C 61 9.10 16.56 10.14
C GLN C 61 10.00 15.89 9.10
N ASP C 62 10.59 14.75 9.46
CA ASP C 62 11.44 13.99 8.55
C ASP C 62 10.66 13.57 7.28
N LEU C 63 9.43 13.05 7.49
CA LEU C 63 8.59 12.63 6.37
C LEU C 63 8.21 13.81 5.48
N GLU C 64 7.93 14.98 6.07
CA GLU C 64 7.63 16.20 5.31
C GLU C 64 8.84 16.58 4.45
N TRP C 65 10.07 16.58 5.03
CA TRP C 65 11.27 16.86 4.23
C TRP C 65 11.50 15.87 3.13
N LEU C 66 11.31 14.54 3.40
CA LEU C 66 11.51 13.53 2.36
C LEU C 66 10.60 13.78 1.16
N GLN C 67 9.33 14.15 1.41
CA GLN C 67 8.38 14.43 0.32
C GLN C 67 8.76 15.67 -0.49
N GLN C 68 9.30 16.69 0.17
CA GLN C 68 9.73 17.92 -0.49
C GLN C 68 11.00 17.75 -1.33
N ALA C 69 11.81 16.73 -1.03
CA ALA C 69 13.10 16.55 -1.68
C ALA C 69 13.06 16.23 -3.16
N ASP C 70 13.97 16.83 -3.91
CA ASP C 70 14.18 16.49 -5.32
C ASP C 70 15.25 15.37 -5.42
N VAL C 71 16.11 15.21 -4.39
CA VAL C 71 17.13 14.17 -4.38
C VAL C 71 17.39 13.85 -2.92
N VAL C 72 17.59 12.55 -2.64
CA VAL C 72 17.86 12.10 -1.29
C VAL C 72 19.29 11.60 -1.29
N VAL C 73 20.13 12.14 -0.43
CA VAL C 73 21.53 11.74 -0.36
C VAL C 73 21.78 11.13 1.02
N ALA C 74 22.18 9.87 1.01
CA ALA C 74 22.33 9.13 2.25
C ALA C 74 23.73 8.59 2.43
N GLU C 75 24.31 8.82 3.58
CA GLU C 75 25.62 8.24 3.94
C GLU C 75 25.28 6.92 4.65
N VAL C 76 25.51 5.79 3.98
CA VAL C 76 25.14 4.45 4.44
C VAL C 76 26.33 3.57 4.94
N THR C 77 27.43 4.21 5.39
CA THR C 77 28.59 3.42 5.84
C THR C 77 28.32 2.68 7.17
N GLN C 78 27.74 3.38 8.15
CA GLN C 78 27.42 2.74 9.42
C GLN C 78 25.97 2.28 9.45
N PRO C 79 25.71 1.09 10.04
CA PRO C 79 24.32 0.58 10.11
C PRO C 79 23.43 1.56 10.86
N SER C 80 22.20 1.76 10.36
CA SER C 80 21.31 2.73 10.96
C SER C 80 19.88 2.35 10.65
N LEU C 81 19.01 2.14 11.67
CA LEU C 81 17.58 1.88 11.37
C LEU C 81 16.96 3.15 10.74
N GLY C 82 17.30 4.32 11.26
CA GLY C 82 16.79 5.61 10.78
C GLY C 82 17.08 5.90 9.32
N VAL C 83 18.33 5.72 8.89
CA VAL C 83 18.70 5.92 7.51
C VAL C 83 18.02 4.90 6.62
N GLY C 84 17.96 3.64 7.07
CA GLY C 84 17.30 2.62 6.26
C GLY C 84 15.81 2.93 6.04
N TYR C 85 15.15 3.38 7.09
CA TYR C 85 13.72 3.72 7.11
C TYR C 85 13.49 4.88 6.16
N GLU C 86 14.33 5.92 6.27
CA GLU C 86 14.27 7.08 5.37
C GLU C 86 14.41 6.66 3.91
N LEU C 87 15.37 5.78 3.61
CA LEU C 87 15.55 5.29 2.24
C LEU C 87 14.32 4.46 1.74
N GLY C 88 13.73 3.66 2.62
CA GLY C 88 12.57 2.83 2.26
C GLY C 88 11.39 3.73 1.93
N ARG C 89 11.17 4.77 2.75
CA ARG C 89 10.10 5.72 2.52
C ARG C 89 10.36 6.51 1.23
N ALA C 90 11.63 6.90 0.98
CA ALA C 90 12.05 7.65 -0.22
C ALA C 90 11.81 6.85 -1.47
N VAL C 91 12.15 5.54 -1.45
CA VAL C 91 11.93 4.67 -2.61
C VAL C 91 10.44 4.62 -2.97
N ALA C 92 9.57 4.48 -1.95
CA ALA C 92 8.15 4.42 -2.21
C ALA C 92 7.59 5.79 -2.62
N PHE C 93 8.26 6.90 -2.25
CA PHE C 93 7.86 8.23 -2.72
C PHE C 93 8.44 8.50 -4.14
N ASN C 94 9.05 7.48 -4.82
CA ASN C 94 9.69 7.53 -6.13
C ASN C 94 10.82 8.59 -6.23
N LYS C 95 11.56 8.80 -5.13
CA LYS C 95 12.61 9.80 -5.09
C LYS C 95 13.90 9.40 -5.79
N ARG C 96 14.63 10.42 -6.30
CA ARG C 96 15.94 10.23 -6.89
C ARG C 96 16.86 10.08 -5.67
N ILE C 97 17.61 8.99 -5.60
CA ILE C 97 18.41 8.66 -4.41
C ILE C 97 19.86 8.34 -4.75
N LEU C 98 20.79 8.87 -3.94
CA LEU C 98 22.22 8.56 -4.06
C LEU C 98 22.69 8.09 -2.68
N CYS C 99 23.28 6.92 -2.61
CA CYS C 99 23.79 6.37 -1.36
C CYS C 99 25.31 6.39 -1.45
N LEU C 100 25.96 6.87 -0.42
CA LEU C 100 27.42 6.99 -0.31
C LEU C 100 27.93 6.00 0.71
N PHE C 101 28.76 5.05 0.25
CA PHE C 101 29.34 4.01 1.10
C PHE C 101 30.90 4.06 1.13
N ARG C 102 31.54 3.93 2.32
CA ARG C 102 33.02 3.90 2.38
C ARG C 102 33.53 2.45 2.60
N PRO C 103 34.03 1.75 1.56
CA PRO C 103 34.56 0.39 1.79
C PRO C 103 35.71 0.34 2.80
N GLN C 104 36.50 1.43 2.96
CA GLN C 104 37.59 1.46 3.95
C GLN C 104 37.11 1.25 5.40
N SER C 105 35.79 1.42 5.65
CA SER C 105 35.24 1.16 6.99
C SER C 105 35.39 -0.32 7.40
N GLY C 106 35.61 -1.20 6.42
CA GLY C 106 35.68 -2.64 6.66
C GLY C 106 34.32 -3.31 6.64
N ARG C 107 33.22 -2.50 6.74
CA ARG C 107 31.85 -2.99 6.75
C ARG C 107 31.48 -3.56 5.38
N VAL C 108 30.49 -4.46 5.37
CA VAL C 108 29.91 -4.98 4.12
C VAL C 108 28.55 -4.30 4.08
N LEU C 109 28.27 -3.57 3.01
CA LEU C 109 27.00 -2.84 2.91
C LEU C 109 25.82 -3.83 2.77
N SER C 110 24.76 -3.61 3.56
CA SER C 110 23.51 -4.36 3.50
C SER C 110 23.05 -4.65 2.07
N ALA C 111 22.74 -5.92 1.76
CA ALA C 111 22.22 -6.27 0.44
C ALA C 111 20.89 -5.55 0.16
N MET C 112 20.15 -5.08 1.20
CA MET C 112 18.90 -4.34 0.98
CA MET C 112 18.91 -4.36 0.95
C MET C 112 19.18 -2.98 0.36
N ILE C 113 20.37 -2.39 0.64
CA ILE C 113 20.70 -1.09 0.08
C ILE C 113 21.40 -1.27 -1.25
N ARG C 114 22.44 -2.12 -1.28
CA ARG C 114 23.21 -2.41 -2.48
C ARG C 114 22.29 -2.97 -3.58
N GLY C 115 21.37 -3.85 -3.20
CA GLY C 115 20.41 -4.45 -4.13
C GLY C 115 19.25 -3.56 -4.53
N ALA C 116 19.04 -2.40 -3.87
CA ALA C 116 17.98 -1.46 -4.27
C ALA C 116 18.38 -0.63 -5.52
N ALA C 117 19.70 -0.52 -5.77
CA ALA C 117 20.28 0.24 -6.85
C ALA C 117 19.85 -0.29 -8.18
N ASP C 118 19.46 0.63 -9.06
CA ASP C 118 19.12 0.37 -10.47
C ASP C 118 20.08 1.15 -11.44
N GLY C 119 21.13 1.78 -10.88
CA GLY C 119 22.12 2.52 -11.64
C GLY C 119 21.66 3.84 -12.23
N SER C 120 20.39 4.22 -11.96
CA SER C 120 19.86 5.47 -12.51
C SER C 120 19.09 6.32 -11.47
N ARG C 121 17.86 5.93 -11.10
CA ARG C 121 17.09 6.68 -10.11
C ARG C 121 17.57 6.37 -8.66
N PHE C 122 18.06 5.16 -8.43
CA PHE C 122 18.59 4.78 -7.12
C PHE C 122 20.03 4.39 -7.39
N GLN C 123 20.99 5.17 -6.91
CA GLN C 123 22.41 4.84 -7.12
C GLN C 123 23.17 4.64 -5.81
N VAL C 124 24.09 3.69 -5.79
CA VAL C 124 24.91 3.41 -4.62
C VAL C 124 26.34 3.50 -5.09
N TRP C 125 27.11 4.45 -4.56
CA TRP C 125 28.50 4.60 -4.93
C TRP C 125 29.44 4.42 -3.76
N ASP C 126 30.50 3.64 -3.98
CA ASP C 126 31.59 3.50 -3.01
C ASP C 126 32.48 4.76 -3.13
N TYR C 127 33.05 5.27 -2.03
CA TYR C 127 33.93 6.45 -2.06
C TYR C 127 35.03 6.46 -0.97
N GLU C 128 36.08 7.28 -1.18
CA GLU C 128 37.18 7.51 -0.22
C GLU C 128 36.84 8.72 0.59
N GLU C 129 36.96 8.66 1.93
CA GLU C 129 36.59 9.76 2.83
C GLU C 129 37.04 11.16 2.35
N GLY C 130 38.25 11.26 1.80
CA GLY C 130 38.76 12.53 1.29
C GLY C 130 38.16 13.02 -0.02
N GLU C 131 37.77 12.12 -0.93
CA GLU C 131 37.28 12.48 -2.27
C GLU C 131 35.75 12.62 -2.43
N VAL C 132 35.02 12.89 -1.33
CA VAL C 132 33.56 12.96 -1.42
C VAL C 132 33.05 14.18 -2.23
N GLU C 133 33.75 15.33 -2.16
CA GLU C 133 33.35 16.53 -2.90
C GLU C 133 33.37 16.32 -4.40
N ALA C 134 34.43 15.70 -4.91
CA ALA C 134 34.54 15.43 -6.34
C ALA C 134 33.47 14.44 -6.82
N LEU C 135 33.01 13.52 -5.93
CA LEU C 135 32.00 12.54 -6.31
C LEU C 135 30.66 13.26 -6.49
N LEU C 136 30.30 14.14 -5.55
CA LEU C 136 29.05 14.89 -5.59
C LEU C 136 29.03 15.79 -6.84
N ASP C 137 30.16 16.47 -7.15
CA ASP C 137 30.31 17.29 -8.38
C ASP C 137 30.05 16.44 -9.61
N ARG C 138 30.64 15.23 -9.69
CA ARG C 138 30.43 14.37 -10.85
C ARG C 138 28.95 13.98 -10.98
N TYR C 139 28.33 13.60 -9.84
CA TYR C 139 26.94 13.19 -9.78
C TYR C 139 26.01 14.29 -10.33
N PHE C 140 26.04 15.50 -9.75
CA PHE C 140 25.19 16.58 -10.22
C PHE C 140 25.77 17.27 -11.47
N MET D 1 -7.33 -19.71 5.23
CA MET D 1 -6.10 -19.13 4.73
C MET D 1 -5.29 -18.69 5.91
N ARG D 2 -4.06 -19.16 5.99
CA ARG D 2 -3.19 -18.81 7.09
C ARG D 2 -2.62 -17.41 6.87
N PRO D 3 -2.49 -16.64 7.97
CA PRO D 3 -1.78 -15.36 7.89
C PRO D 3 -0.33 -15.56 7.45
N ALA D 4 0.22 -14.57 6.74
CA ALA D 4 1.60 -14.61 6.26
C ALA D 4 2.37 -13.62 7.12
N LEU D 5 3.39 -14.10 7.81
CA LEU D 5 4.14 -13.32 8.76
C LEU D 5 5.54 -13.13 8.26
N TYR D 6 6.04 -11.93 8.38
CA TYR D 6 7.38 -11.63 7.88
C TYR D 6 8.21 -11.28 9.08
N PHE D 7 9.36 -11.95 9.25
CA PHE D 7 10.23 -11.64 10.39
C PHE D 7 11.56 -11.11 9.87
N CYS D 8 12.14 -10.13 10.54
CA CYS D 8 13.49 -9.66 10.20
C CYS D 8 14.18 -9.11 11.45
N GLY D 9 15.48 -9.13 11.40
CA GLY D 9 16.34 -8.57 12.43
C GLY D 9 17.70 -8.31 11.82
N SER D 10 18.58 -7.66 12.58
CA SER D 10 19.92 -7.35 12.09
C SER D 10 20.79 -8.60 12.01
N ILE D 11 21.87 -8.51 11.21
CA ILE D 11 22.88 -9.56 11.09
C ILE D 11 23.53 -9.75 12.49
N ARG D 12 23.87 -8.65 13.16
CA ARG D 12 24.49 -8.65 14.49
C ARG D 12 23.60 -9.35 15.51
N GLY D 13 22.33 -8.99 15.51
CA GLY D 13 21.34 -9.60 16.39
C GLY D 13 21.15 -11.08 16.09
N GLY D 14 21.31 -11.47 14.84
CA GLY D 14 21.20 -12.87 14.44
C GLY D 14 22.37 -13.73 14.86
N ARG D 15 23.54 -13.11 15.11
CA ARG D 15 24.75 -13.83 15.53
C ARG D 15 24.87 -13.88 17.05
N GLU D 16 24.70 -12.73 17.73
CA GLU D 16 24.76 -12.66 19.19
C GLU D 16 23.50 -13.27 19.81
N ASP D 17 22.35 -13.15 19.14
CA ASP D 17 21.11 -13.66 19.68
C ASP D 17 20.48 -14.71 18.76
N ARG D 18 21.29 -15.68 18.27
CA ARG D 18 20.81 -16.74 17.38
C ARG D 18 19.57 -17.47 17.89
N THR D 19 19.62 -18.00 19.14
CA THR D 19 18.49 -18.73 19.66
C THR D 19 17.28 -17.82 19.92
N LEU D 20 17.49 -16.53 20.21
CA LEU D 20 16.36 -15.60 20.41
C LEU D 20 15.60 -15.44 19.07
N TYR D 21 16.32 -15.28 17.94
CA TYR D 21 15.65 -15.15 16.64
C TYR D 21 14.92 -16.45 16.29
N GLU D 22 15.55 -17.62 16.62
CA GLU D 22 14.91 -18.91 16.40
C GLU D 22 13.65 -19.06 17.24
N ARG D 23 13.66 -18.54 18.48
CA ARG D 23 12.52 -18.58 19.38
C ARG D 23 11.38 -17.76 18.82
N ILE D 24 11.69 -16.54 18.33
CA ILE D 24 10.65 -15.68 17.73
C ILE D 24 10.05 -16.37 16.50
N VAL D 25 10.88 -16.89 15.60
CA VAL D 25 10.37 -17.54 14.38
C VAL D 25 9.51 -18.78 14.71
N SER D 26 9.99 -19.61 15.67
CA SER D 26 9.22 -20.79 16.09
C SER D 26 7.89 -20.37 16.70
N ARG D 27 7.87 -19.32 17.55
CA ARG D 27 6.60 -18.86 18.10
C ARG D 27 5.66 -18.29 17.01
N LEU D 28 6.20 -17.48 16.08
CA LEU D 28 5.38 -16.93 14.98
C LEU D 28 4.77 -18.05 14.14
N ARG D 29 5.46 -19.19 13.98
CA ARG D 29 4.96 -20.31 13.20
C ARG D 29 3.61 -20.86 13.75
N ARG D 30 3.27 -20.60 15.03
CA ARG D 30 1.98 -20.98 15.59
C ARG D 30 0.82 -20.12 15.07
N PHE D 31 1.14 -18.91 14.55
CA PHE D 31 0.15 -17.94 14.14
C PHE D 31 0.00 -17.79 12.63
N GLY D 32 0.93 -18.31 11.87
CA GLY D 32 0.87 -18.23 10.41
C GLY D 32 2.11 -18.78 9.75
N THR D 33 2.17 -18.63 8.44
CA THR D 33 3.32 -19.03 7.67
C THR D 33 4.38 -17.95 7.88
N VAL D 34 5.62 -18.32 8.18
CA VAL D 34 6.70 -17.35 8.36
C VAL D 34 7.53 -17.32 7.09
N LEU D 35 7.30 -16.31 6.26
CA LEU D 35 7.92 -16.18 4.96
C LEU D 35 9.43 -16.19 4.99
N THR D 36 10.02 -15.63 6.04
CA THR D 36 11.46 -15.47 6.14
C THR D 36 12.14 -16.48 7.10
N GLU D 37 11.44 -17.58 7.43
CA GLU D 37 11.97 -18.59 8.36
C GLU D 37 13.29 -19.25 7.92
N HIS D 38 13.56 -19.35 6.62
CA HIS D 38 14.76 -20.01 6.13
C HIS D 38 15.93 -19.07 5.78
N VAL D 39 15.80 -17.78 6.09
CA VAL D 39 16.87 -16.83 5.84
C VAL D 39 18.04 -17.07 6.82
N ALA D 40 19.29 -17.00 6.35
CA ALA D 40 20.44 -17.19 7.24
C ALA D 40 21.65 -16.34 6.85
N GLY D 54 23.91 -10.15 -7.49
CA GLY D 54 23.69 -10.99 -6.32
C GLY D 54 22.80 -10.30 -5.29
N ASP D 55 23.13 -9.04 -4.99
CA ASP D 55 22.34 -8.28 -4.02
C ASP D 55 20.97 -7.88 -4.57
N ARG D 56 20.85 -7.71 -5.91
CA ARG D 56 19.57 -7.35 -6.52
C ARG D 56 18.54 -8.45 -6.30
N LEU D 57 18.93 -9.71 -6.51
CA LEU D 57 18.05 -10.85 -6.30
C LEU D 57 17.59 -10.93 -4.84
N ILE D 58 18.51 -10.66 -3.89
CA ILE D 58 18.18 -10.67 -2.47
C ILE D 58 17.12 -9.61 -2.17
N HIS D 59 17.32 -8.42 -2.71
CA HIS D 59 16.41 -7.30 -2.53
C HIS D 59 15.03 -7.62 -3.16
N GLU D 60 15.02 -8.12 -4.39
CA GLU D 60 13.76 -8.46 -5.06
C GLU D 60 12.97 -9.53 -4.32
N GLN D 61 13.64 -10.56 -3.82
CA GLN D 61 12.96 -11.61 -3.05
C GLN D 61 12.42 -11.04 -1.74
N ASP D 62 13.20 -10.18 -1.08
CA ASP D 62 12.78 -9.57 0.18
C ASP D 62 11.56 -8.68 -0.04
N LEU D 63 11.53 -7.94 -1.16
CA LEU D 63 10.41 -7.06 -1.47
C LEU D 63 9.15 -7.87 -1.80
N GLU D 64 9.31 -9.02 -2.46
CA GLU D 64 8.18 -9.92 -2.74
C GLU D 64 7.57 -10.43 -1.44
N TRP D 65 8.43 -10.82 -0.48
CA TRP D 65 7.93 -11.30 0.81
C TRP D 65 7.21 -10.21 1.57
N LEU D 66 7.78 -8.98 1.57
CA LEU D 66 7.18 -7.86 2.27
C LEU D 66 5.78 -7.56 1.76
N GLN D 67 5.62 -7.57 0.45
CA GLN D 67 4.37 -7.25 -0.22
C GLN D 67 3.29 -8.32 0.04
N GLN D 68 3.71 -9.57 0.17
CA GLN D 68 2.76 -10.65 0.42
C GLN D 68 2.50 -10.89 1.93
N ALA D 69 3.18 -10.14 2.85
CA ALA D 69 2.96 -10.30 4.28
C ALA D 69 1.67 -9.63 4.80
N ASP D 70 1.13 -10.19 5.86
CA ASP D 70 0.01 -9.58 6.58
C ASP D 70 0.58 -8.73 7.71
N VAL D 71 1.62 -9.24 8.42
CA VAL D 71 2.21 -8.48 9.51
C VAL D 71 3.75 -8.66 9.49
N VAL D 72 4.45 -7.58 9.81
CA VAL D 72 5.90 -7.53 9.80
C VAL D 72 6.37 -7.44 11.22
N VAL D 73 7.22 -8.39 11.63
CA VAL D 73 7.75 -8.39 12.99
C VAL D 73 9.26 -8.14 12.88
N ALA D 74 9.72 -7.03 13.42
CA ALA D 74 11.13 -6.66 13.26
C ALA D 74 11.82 -6.56 14.61
N GLU D 75 13.02 -7.13 14.74
CA GLU D 75 13.76 -7.02 15.99
C GLU D 75 14.68 -5.83 15.80
N VAL D 76 14.45 -4.73 16.53
CA VAL D 76 15.16 -3.46 16.27
C VAL D 76 16.18 -3.06 17.34
N THR D 77 16.66 -4.04 18.10
CA THR D 77 17.62 -3.75 19.18
C THR D 77 18.95 -3.21 18.64
N GLN D 78 19.45 -3.80 17.56
CA GLN D 78 20.71 -3.37 16.96
C GLN D 78 20.43 -2.58 15.70
N PRO D 79 21.23 -1.51 15.46
CA PRO D 79 21.05 -0.72 14.22
C PRO D 79 21.27 -1.57 12.97
N SER D 80 20.49 -1.29 11.90
CA SER D 80 20.58 -2.07 10.68
C SER D 80 19.95 -1.26 9.57
N LEU D 81 20.70 -1.03 8.49
CA LEU D 81 20.13 -0.36 7.32
C LEU D 81 19.01 -1.26 6.71
N GLY D 82 19.29 -2.57 6.58
CA GLY D 82 18.34 -3.51 6.00
C GLY D 82 17.02 -3.59 6.74
N VAL D 83 17.06 -3.68 8.06
CA VAL D 83 15.85 -3.70 8.87
C VAL D 83 15.07 -2.38 8.71
N GLY D 84 15.78 -1.24 8.79
CA GLY D 84 15.13 0.05 8.61
C GLY D 84 14.49 0.16 7.22
N TYR D 85 15.16 -0.33 6.17
CA TYR D 85 14.68 -0.27 4.79
C TYR D 85 13.44 -1.13 4.64
N GLU D 86 13.45 -2.34 5.25
CA GLU D 86 12.31 -3.23 5.24
C GLU D 86 11.12 -2.57 5.91
N LEU D 87 11.37 -1.89 7.03
CA LEU D 87 10.33 -1.17 7.77
C LEU D 87 9.74 0.00 6.93
N GLY D 88 10.59 0.78 6.26
CA GLY D 88 10.11 1.88 5.42
C GLY D 88 9.25 1.37 4.27
N ARG D 89 9.71 0.31 3.57
CA ARG D 89 8.94 -0.29 2.47
C ARG D 89 7.63 -0.89 3.02
N ALA D 90 7.65 -1.58 4.19
CA ALA D 90 6.47 -2.17 4.81
C ALA D 90 5.46 -1.09 5.13
N VAL D 91 5.90 0.06 5.71
CA VAL D 91 4.98 1.17 5.99
C VAL D 91 4.29 1.65 4.71
N ALA D 92 5.08 1.85 3.65
CA ALA D 92 4.54 2.34 2.40
C ALA D 92 3.63 1.28 1.74
N PHE D 93 3.89 -0.03 2.00
CA PHE D 93 3.04 -1.12 1.54
C PHE D 93 1.79 -1.27 2.44
N ASN D 94 1.58 -0.36 3.40
CA ASN D 94 0.42 -0.34 4.29
C ASN D 94 0.39 -1.60 5.17
N LYS D 95 1.57 -2.13 5.56
CA LYS D 95 1.60 -3.34 6.40
C LYS D 95 1.45 -3.08 7.88
N ARG D 96 0.89 -4.04 8.61
CA ARG D 96 0.80 -3.93 10.07
C ARG D 96 2.18 -4.34 10.64
N ILE D 97 2.74 -3.52 11.52
CA ILE D 97 4.11 -3.71 12.00
C ILE D 97 4.22 -3.80 13.52
N LEU D 98 5.01 -4.76 13.97
CA LEU D 98 5.37 -4.90 15.37
C LEU D 98 6.91 -4.87 15.47
N CYS D 99 7.46 -3.86 16.12
CA CYS D 99 8.90 -3.78 16.36
C CYS D 99 9.18 -4.24 17.80
N LEU D 100 10.22 -5.02 17.97
CA LEU D 100 10.62 -5.55 19.29
C LEU D 100 11.99 -4.97 19.65
N PHE D 101 12.05 -4.22 20.78
CA PHE D 101 13.28 -3.56 21.23
C PHE D 101 13.67 -3.98 22.64
N ARG D 102 14.94 -4.35 22.85
CA ARG D 102 15.44 -4.76 24.18
C ARG D 102 16.21 -3.63 24.83
N PRO D 103 15.59 -2.88 25.75
CA PRO D 103 16.34 -1.81 26.44
C PRO D 103 17.46 -2.35 27.32
N GLN D 104 17.48 -3.67 27.68
CA GLN D 104 18.63 -4.24 28.42
C GLN D 104 19.96 -4.11 27.65
N SER D 105 19.89 -3.93 26.31
CA SER D 105 21.07 -3.69 25.48
C SER D 105 21.78 -2.35 25.83
N GLY D 106 21.06 -1.43 26.49
CA GLY D 106 21.55 -0.11 26.87
C GLY D 106 21.40 0.95 25.78
N ARG D 107 21.15 0.52 24.53
CA ARG D 107 21.03 1.42 23.39
C ARG D 107 19.76 2.30 23.43
N VAL D 108 19.74 3.36 22.63
CA VAL D 108 18.57 4.20 22.48
C VAL D 108 18.04 3.91 21.07
N LEU D 109 16.77 3.51 20.98
CA LEU D 109 16.18 3.19 19.68
C LEU D 109 16.01 4.45 18.86
N SER D 110 16.36 4.39 17.57
CA SER D 110 16.18 5.44 16.59
C SER D 110 14.82 6.16 16.71
N ALA D 111 14.86 7.51 16.74
CA ALA D 111 13.67 8.35 16.81
C ALA D 111 12.79 8.18 15.57
N MET D 112 13.35 7.81 14.40
CA MET D 112 12.61 7.52 13.17
C MET D 112 11.71 6.29 13.38
N ILE D 113 12.18 5.30 14.15
CA ILE D 113 11.40 4.08 14.41
C ILE D 113 10.45 4.30 15.56
N ARG D 114 10.94 4.87 16.66
CA ARG D 114 10.11 5.16 17.82
C ARG D 114 9.00 6.16 17.42
N GLY D 115 9.33 7.13 16.59
CA GLY D 115 8.43 8.16 16.11
C GLY D 115 7.38 7.71 15.10
N ALA D 116 7.67 6.62 14.35
CA ALA D 116 6.71 6.08 13.39
C ALA D 116 5.56 5.35 14.10
N ALA D 117 5.69 5.02 15.40
CA ALA D 117 4.68 4.29 16.13
C ALA D 117 3.42 5.12 16.35
N ASP D 118 2.28 4.45 16.28
CA ASP D 118 0.99 5.10 16.48
C ASP D 118 0.09 4.34 17.48
N GLY D 119 0.66 3.33 18.15
CA GLY D 119 -0.07 2.50 19.11
C GLY D 119 -1.02 1.49 18.46
N SER D 120 -1.09 1.47 17.11
CA SER D 120 -2.02 0.57 16.43
C SER D 120 -1.33 -0.25 15.31
N ARG D 121 -1.28 0.23 14.05
CA ARG D 121 -0.64 -0.51 12.95
C ARG D 121 0.89 -0.43 12.92
N PHE D 122 1.48 0.40 13.75
CA PHE D 122 2.94 0.45 13.90
C PHE D 122 3.15 0.52 15.39
N GLN D 123 3.58 -0.58 16.00
CA GLN D 123 3.85 -0.58 17.45
C GLN D 123 5.30 -0.92 17.72
N VAL D 124 5.85 -0.35 18.79
CA VAL D 124 7.23 -0.61 19.20
C VAL D 124 7.10 -1.06 20.64
N TRP D 125 7.46 -2.30 20.92
CA TRP D 125 7.34 -2.82 22.27
C TRP D 125 8.70 -3.09 22.85
N ASP D 126 8.94 -2.56 24.04
CA ASP D 126 10.15 -2.84 24.80
C ASP D 126 9.92 -4.17 25.50
N TYR D 127 10.95 -5.01 25.56
CA TYR D 127 10.81 -6.31 26.19
C TYR D 127 12.11 -6.81 26.78
N GLU D 128 11.97 -7.75 27.72
CA GLU D 128 13.09 -8.49 28.28
C GLU D 128 13.08 -9.83 27.52
N GLU D 129 14.24 -10.26 27.09
CA GLU D 129 14.46 -11.46 26.30
C GLU D 129 13.67 -12.72 26.71
N GLY D 130 13.62 -13.02 28.02
CA GLY D 130 12.92 -14.19 28.54
C GLY D 130 11.42 -14.17 28.38
N GLU D 131 10.85 -13.00 28.11
CA GLU D 131 9.40 -12.84 27.96
C GLU D 131 8.89 -12.69 26.50
N VAL D 132 9.75 -12.90 25.49
CA VAL D 132 9.33 -12.66 24.10
C VAL D 132 8.19 -13.58 23.66
N GLU D 133 8.16 -14.87 24.11
CA GLU D 133 7.08 -15.77 23.74
C GLU D 133 5.75 -15.26 24.30
N ALA D 134 5.75 -14.80 25.57
CA ALA D 134 4.51 -14.28 26.18
C ALA D 134 4.04 -13.04 25.43
N LEU D 135 4.96 -12.19 25.00
CA LEU D 135 4.60 -10.96 24.27
C LEU D 135 4.00 -11.27 22.91
N LEU D 136 4.58 -12.21 22.18
CA LEU D 136 4.05 -12.61 20.88
C LEU D 136 2.67 -13.27 21.06
N ASP D 137 2.49 -14.05 22.15
CA ASP D 137 1.18 -14.66 22.42
C ASP D 137 0.13 -13.58 22.64
N ARG D 138 0.48 -12.51 23.33
CA ARG D 138 -0.45 -11.42 23.58
C ARG D 138 -0.77 -10.65 22.26
N TYR D 139 0.28 -10.35 21.48
CA TYR D 139 0.06 -9.62 20.22
C TYR D 139 -0.78 -10.43 19.25
N PHE D 140 -0.49 -11.72 19.12
CA PHE D 140 -1.23 -12.57 18.21
C PHE D 140 -2.46 -13.25 18.84
N GLU D 141 -2.92 -12.74 20.00
CA GLU D 141 -4.13 -13.16 20.72
C GLU D 141 -4.23 -14.69 20.95
N ALA D 142 -3.15 -15.32 21.42
CA ALA D 142 -3.14 -16.76 21.66
C ALA D 142 -3.84 -17.09 22.98
N ASN D 148 -12.46 -10.16 31.49
CA ASN D 148 -12.55 -8.76 31.91
C ASN D 148 -12.37 -7.88 30.69
N LEU D 149 -11.31 -8.16 29.91
CA LEU D 149 -10.99 -7.49 28.65
C LEU D 149 -11.98 -7.90 27.53
N TYR D 150 -12.68 -9.04 27.69
CA TYR D 150 -13.72 -9.51 26.79
C TYR D 150 -15.12 -8.90 27.16
N PHE D 151 -15.15 -7.92 28.07
CA PHE D 151 -16.37 -7.24 28.51
C PHE D 151 -16.18 -5.76 28.27
N GLN D 152 -16.06 -5.38 27.00
CA GLN D 152 -15.91 -3.97 26.62
C GLN D 152 -16.81 -3.64 25.41
C1 EOH E . -26.89 -2.36 8.10
C2 EOH E . -27.02 -1.53 6.83
O EOH E . -28.10 -3.08 8.27
C1 EDO F . -28.89 -3.86 0.14
O1 EDO F . -28.14 -3.99 -1.06
C2 EDO F . -27.93 -3.58 1.29
O2 EDO F . -28.36 -2.44 2.03
C1 A1I1M G . -23.57 4.50 -3.17
C2 A1I1M G . -24.24 5.66 -2.81
C3 A1I1M G . -23.86 6.37 -1.68
N6 A1I1M G . -20.90 -2.09 6.16
C7 A1I1M G . -21.72 2.83 -2.79
C8 A1I1M G . -22.26 1.63 -0.67
C9 A1I1M G . -21.16 1.56 0.38
C10 A1I1M G . -20.21 0.39 0.09
C11 A1I1M G . -19.67 0.48 -1.32
C12 A1I1M G . -20.83 0.57 -2.33
C13 A1I1M G . -19.39 -0.13 2.34
C14 A1I1M G . -20.17 -1.11 4.01
C15 A1I1M G . -17.31 0.80 3.43
C16 A1I1M G . -21.07 -1.92 4.80
C19 A1I1M G . -23.88 -4.01 5.82
C20 A1I1M G . -24.10 -4.54 7.08
C21 A1I1M G . -23.28 -4.17 8.14
C22 A1I1M G . -22.15 -3.36 7.94
C24 A1I1M G . -23.53 -4.70 9.46
N7 A1I1M G . -23.76 -5.13 10.49
C23 A1I1M G . -21.90 -2.93 6.64
C18 A1I1M G . -22.75 -3.23 5.56
C17 A1I1M G . -22.22 -2.55 4.40
N3 A1I1M G . -20.39 -0.92 2.68
N4 A1I1M G . -19.07 -0.53 4.50
N5 A1I1M G . -18.58 0.09 3.38
N2 A1I1M G . -19.14 0.35 1.10
N1 A1I1M G . -21.67 1.73 -2.01
O A1I1M G . -21.18 2.88 -3.88
C6 A1I1M G . -22.54 4.02 -2.34
N A1I1M G . -23.95 3.79 -4.28
C A1I1M G . -25.11 4.12 -5.10
C5 A1I1M G . -22.11 4.79 -1.25
C4 A1I1M G . -22.82 5.93 -0.90
CL CL H . -23.74 0.33 -4.70
C1 A1I1M I . -18.57 -7.62 -16.85
C2 A1I1M I . -18.74 -8.92 -17.36
C3 A1I1M I . -17.79 -9.47 -18.21
N6 A1I1M I . -15.18 0.09 -25.11
C7 A1I1M I . -17.19 -5.52 -16.62
C8 A1I1M I . -17.32 -4.53 -18.92
C9 A1I1M I . -16.05 -3.97 -19.56
C10 A1I1M I . -15.75 -2.56 -19.07
C11 A1I1M I . -15.71 -2.51 -17.54
C12 A1I1M I . -16.99 -3.10 -16.95
C13 A1I1M I . -14.49 -1.60 -20.92
C14 A1I1M I . -14.96 -0.81 -22.81
C15 A1I1M I . -11.96 -1.57 -21.18
C16 A1I1M I . -15.76 -0.36 -23.93
C19 A1I1M I . -18.59 0.61 -26.02
C20 A1I1M I . -18.53 1.09 -27.32
C21 A1I1M I . -17.30 1.23 -27.97
C22 A1I1M I . -16.11 0.95 -27.29
C24 A1I1M I . -17.25 1.76 -29.30
N7 A1I1M I . -17.17 2.17 -30.36
C23 A1I1M I . -16.19 0.47 -25.99
C18 A1I1M I . -17.42 0.28 -25.34
C17 A1I1M I . -17.12 -0.28 -24.04
N3 A1I1M I . -15.53 -1.25 -21.65
N4 A1I1M I . -13.63 -0.89 -22.84
N5 A1I1M I . -13.35 -1.38 -21.60
N2 A1I1M I . -14.51 -2.07 -19.65
N1 A1I1M I . -17.21 -4.47 -17.45
O A1I1M I . -17.10 -5.39 -15.41
C6 A1I1M I . -17.42 -6.90 -17.20
N A1I1M I . -19.53 -7.07 -16.06
C A1I1M I . -20.76 -7.73 -15.70
C5 A1I1M I . -16.47 -7.48 -18.04
C4 A1I1M I . -16.66 -8.76 -18.55
CL CL J . -20.65 -3.90 -15.82
C1 A1I1M K . 18.82 7.88 16.18
C2 A1I1M K . 18.51 8.43 17.43
C3 A1I1M K . 17.81 9.62 17.52
N6 A1I1M K . 21.62 16.50 8.74
C7 A1I1M K . 18.63 7.94 13.65
C8 A1I1M K . 19.83 10.02 13.00
C9 A1I1M K . 19.15 11.02 12.08
C10 A1I1M K . 19.31 10.61 10.62
C11 A1I1M K . 18.86 9.17 10.39
C12 A1I1M K . 19.54 8.22 11.38
C13 A1I1M K . 19.10 12.78 9.52
C14 A1I1M K . 20.39 14.42 9.27
C15 A1I1M K . 17.13 13.75 8.24
C16 A1I1M K . 21.59 15.24 9.32
C19 A1I1M K . 24.90 16.51 10.13
C20 A1I1M K . 25.42 17.75 9.77
C21 A1I1M K . 24.66 18.65 9.04
C22 A1I1M K . 23.36 18.33 8.63
C24 A1I1M K . 25.23 19.91 8.62
N7 A1I1M K . 25.72 20.89 8.31
C23 A1I1M K . 22.86 17.08 9.00
C18 A1I1M K . 23.61 16.14 9.73
C17 A1I1M K . 22.78 14.99 9.93
N3 A1I1M K . 20.33 13.17 9.82
N4 A1I1M K . 19.28 14.81 8.66
N5 A1I1M K . 18.46 13.74 8.84
N2 A1I1M K . 18.59 11.55 9.77
N1 A1I1M K . 19.31 8.67 12.76
O A1I1M K . 18.25 6.80 13.41
C6 A1I1M K . 18.38 8.54 15.01
N A1I1M K . 19.52 6.70 16.09
C A1I1M K . 19.90 5.91 17.26
C5 A1I1M K . 17.62 9.71 15.13
C4 A1I1M K . 17.41 10.28 16.38
CL CL L . 21.60 5.82 13.57
C1 A1I1M M . 23.16 -7.30 5.50
C2 A1I1M M . 24.08 -7.99 4.69
C3 A1I1M M . 23.64 -8.86 3.70
N6 A1I1M M . 15.02 -14.74 9.27
C7 A1I1M M . 20.77 -6.85 6.19
C8 A1I1M M . 20.05 -9.03 7.21
C9 A1I1M M . 18.72 -9.62 6.74
C10 A1I1M M . 17.54 -8.95 7.46
C11 A1I1M M . 17.62 -7.43 7.35
C12 A1I1M M . 18.98 -6.93 7.85
C13 A1I1M M . 15.86 -10.70 7.36
C14 A1I1M M . 15.60 -12.54 8.33
C15 A1I1M M . 13.99 -10.96 5.68
C16 A1I1M M . 15.80 -13.59 9.30
C19 A1I1M M . 17.14 -15.70 11.96
C20 A1I1M M . 16.65 -16.93 12.37
C21 A1I1M M . 15.56 -17.50 11.71
C22 A1I1M M . 14.97 -16.86 10.62
C24 A1I1M M . 15.06 -18.78 12.14
N7 A1I1M M . 14.67 -19.79 12.51
C23 A1I1M M . 15.44 -15.60 10.27
C18 A1I1M M . 16.57 -15.01 10.89
C17 A1I1M M . 16.75 -13.73 10.29
N3 A1I1M M . 16.38 -11.41 8.35
N4 A1I1M M . 14.68 -12.58 7.37
N5 A1I1M M . 14.87 -11.37 6.75
N2 A1I1M M . 16.27 -9.47 6.98
N1 A1I1M M . 20.06 -7.57 7.08
O A1I1M M . 20.69 -5.63 6.12
C6 A1I1M M . 21.80 -7.57 5.34
N A1I1M M . 23.60 -6.45 6.47
C A1I1M M . 25.01 -6.20 6.72
C5 A1I1M M . 21.38 -8.42 4.32
C4 A1I1M M . 22.30 -9.10 3.53
CL CL N . 22.16 -5.62 9.57
CL CL O . 3.57 1.68 20.08
#